data_5I99
#
_entry.id   5I99
#
_cell.length_a   58.227
_cell.length_b   76.932
_cell.length_c   115.828
_cell.angle_alpha   90.000
_cell.angle_beta   90.000
_cell.angle_gamma   90.000
#
_symmetry.space_group_name_H-M   'P 21 21 21'
#
loop_
_entity.id
_entity.type
_entity.pdbx_description
1 polymer Contactin-3
2 non-polymer GLYCEROL
3 water water
#
_entity_poly.entity_id   1
_entity_poly.type   'polypeptide(L)'
_entity_poly.pdbx_seq_one_letter_code
;PGSAPDFSRNPMKKMVQVQVGSLVILDCKPRASPRALSFWKKGDMMVREQARVSFLNDGGLKIMNVTKADAGTYTCTAEN
QFGKANGTTHLVVTEPTRIILAPSNMDVAVGESVILPCQVQHDPLLDIMFAWYFNGALTDFKKDGSHFEKVGGSSSGDLM
IRNIQLKHSGKYVCMVQTGVDSVSSAAELIVRGSPGPPENVKVDEITDTTAQLSWTEGTDSHSPVISYAVQARTPFSVGW
QSVRTVPEVIDGKTHTATVVELNPWVEYEFRIVASNKIGGGEPSLPSEKVRTEEAAPEIAPSEVSGGGGSRSELVITWDP
VPEELQNGGGFGYVVAFRPLGVTTWIQTVVTSPDNPRYVFRNESIVPFSPYEVKVGVYNNKGEGPFSPVTTVFSAEEE
;
_entity_poly.pdbx_strand_id   A
#
loop_
_chem_comp.id
_chem_comp.type
_chem_comp.name
_chem_comp.formula
GOL non-polymer GLYCEROL 'C3 H8 O3'
#
# COMPACT_ATOMS: atom_id res chain seq x y z
N PRO A 1 -52.70 -0.89 -62.10
CA PRO A 1 -52.81 -0.72 -60.64
C PRO A 1 -54.10 -1.32 -60.09
N GLY A 2 -54.59 -0.77 -58.98
CA GLY A 2 -55.83 -1.25 -58.39
C GLY A 2 -55.55 -2.43 -57.47
N SER A 3 -55.55 -2.19 -56.16
CA SER A 3 -55.19 -3.19 -55.18
C SER A 3 -55.56 -2.70 -53.79
N ALA A 4 -56.16 -3.60 -52.99
CA ALA A 4 -56.54 -3.36 -51.60
C ALA A 4 -55.33 -2.99 -50.74
N PRO A 5 -55.53 -2.41 -49.55
CA PRO A 5 -54.41 -2.10 -48.67
C PRO A 5 -53.62 -3.35 -48.30
N ASP A 6 -52.28 -3.22 -48.33
CA ASP A 6 -51.38 -4.36 -48.16
C ASP A 6 -50.22 -3.93 -47.28
N PHE A 7 -50.15 -4.51 -46.07
CA PHE A 7 -49.12 -4.21 -45.08
C PHE A 7 -47.88 -5.09 -45.22
N SER A 8 -47.85 -6.02 -46.18
CA SER A 8 -46.74 -6.97 -46.27
C SER A 8 -45.43 -6.29 -46.64
N ARG A 9 -45.48 -5.21 -47.43
CA ARG A 9 -44.27 -4.49 -47.79
C ARG A 9 -43.78 -3.57 -46.68
N ASN A 10 -44.66 -3.18 -45.77
CA ASN A 10 -44.36 -2.15 -44.79
C ASN A 10 -45.05 -2.47 -43.47
N PRO A 11 -44.73 -3.60 -42.84
CA PRO A 11 -45.50 -4.04 -41.68
C PRO A 11 -45.24 -3.15 -40.47
N MET A 12 -46.27 -2.98 -39.67
CA MET A 12 -46.14 -2.24 -38.43
C MET A 12 -45.42 -3.08 -37.39
N LYS A 13 -44.43 -2.49 -36.70
CA LYS A 13 -43.69 -3.18 -35.66
C LYS A 13 -44.64 -3.93 -34.74
N LYS A 14 -44.26 -5.16 -34.38
CA LYS A 14 -45.11 -5.97 -33.48
C LYS A 14 -45.22 -5.31 -32.11
N MET A 15 -44.14 -4.69 -31.64
CA MET A 15 -44.06 -4.22 -30.27
C MET A 15 -43.13 -3.02 -30.24
N VAL A 16 -43.49 -1.99 -29.48
CA VAL A 16 -42.65 -0.80 -29.32
C VAL A 16 -42.59 -0.44 -27.85
N GLN A 17 -41.36 -0.20 -27.35
CA GLN A 17 -41.09 0.19 -25.97
C GLN A 17 -40.59 1.63 -25.92
N VAL A 18 -41.17 2.42 -25.03
CA VAL A 18 -40.77 3.81 -24.84
C VAL A 18 -40.70 4.10 -23.35
N GLN A 19 -39.79 5.00 -22.99
CA GLN A 19 -39.68 5.44 -21.62
C GLN A 19 -40.84 6.39 -21.30
N VAL A 20 -41.34 6.29 -20.06
CA VAL A 20 -42.36 7.21 -19.58
C VAL A 20 -41.91 8.64 -19.86
N GLY A 21 -42.84 9.46 -20.35
CA GLY A 21 -42.57 10.86 -20.61
C GLY A 21 -41.88 11.13 -21.93
N SER A 22 -41.76 10.12 -22.78
CA SER A 22 -41.11 10.24 -24.07
C SER A 22 -42.16 10.46 -25.17
N LEU A 23 -41.68 10.53 -26.41
CA LEU A 23 -42.51 10.77 -27.58
C LEU A 23 -42.55 9.53 -28.46
N VAL A 24 -43.75 9.15 -28.90
CA VAL A 24 -43.92 7.94 -29.68
C VAL A 24 -44.75 8.27 -30.93
N ILE A 25 -44.40 7.64 -32.05
CA ILE A 25 -45.08 7.79 -33.33
C ILE A 25 -45.25 6.40 -33.93
N LEU A 26 -46.48 5.91 -33.97
CA LEU A 26 -46.79 4.62 -34.57
C LEU A 26 -47.03 4.81 -36.07
N ASP A 27 -46.25 4.12 -36.90
CA ASP A 27 -46.43 4.22 -38.34
C ASP A 27 -47.61 3.36 -38.79
N CYS A 28 -48.24 3.78 -39.90
CA CYS A 28 -49.33 3.02 -40.54
C CYS A 28 -49.34 3.39 -42.02
N LYS A 29 -48.52 2.69 -42.80
CA LYS A 29 -48.34 2.97 -44.23
C LYS A 29 -48.55 1.69 -45.02
N PRO A 30 -49.78 1.35 -45.34
CA PRO A 30 -50.02 0.21 -46.24
C PRO A 30 -49.88 0.65 -47.68
N ARG A 31 -49.72 -0.35 -48.55
CA ARG A 31 -49.68 -0.15 -49.98
C ARG A 31 -51.09 -0.34 -50.53
N ALA A 32 -51.54 0.60 -51.36
CA ALA A 32 -52.90 0.53 -51.89
C ALA A 32 -53.05 1.51 -53.06
N SER A 33 -53.70 1.05 -54.11
CA SER A 33 -54.16 1.90 -55.22
C SER A 33 -55.68 1.79 -55.35
N PRO A 34 -56.41 2.91 -55.11
CA PRO A 34 -55.93 4.21 -54.67
C PRO A 34 -55.41 4.21 -53.21
N ARG A 35 -54.88 5.33 -52.75
CA ARG A 35 -54.44 5.42 -51.36
C ARG A 35 -55.61 5.12 -50.43
N ALA A 36 -55.30 4.48 -49.30
CA ALA A 36 -56.33 4.06 -48.36
C ALA A 36 -56.45 5.06 -47.22
N LEU A 37 -57.68 5.31 -46.78
CA LEU A 37 -57.93 6.02 -45.53
C LEU A 37 -57.71 5.08 -44.33
N SER A 38 -57.20 5.65 -43.24
CA SER A 38 -56.87 4.88 -42.04
C SER A 38 -57.61 5.44 -40.84
N PHE A 39 -57.78 4.60 -39.81
CA PHE A 39 -58.13 5.08 -38.48
C PHE A 39 -57.46 4.18 -37.43
N TRP A 40 -57.31 4.72 -36.23
CA TRP A 40 -56.63 4.07 -35.13
C TRP A 40 -57.62 3.72 -34.03
N LYS A 41 -57.48 2.53 -33.47
CA LYS A 41 -58.13 2.19 -32.22
C LYS A 41 -57.10 1.74 -31.20
N LYS A 42 -57.36 2.01 -29.94
CA LYS A 42 -56.66 1.37 -28.83
C LYS A 42 -57.60 0.30 -28.29
N GLY A 43 -57.26 -0.96 -28.52
CA GLY A 43 -58.19 -2.03 -28.18
C GLY A 43 -59.49 -1.88 -28.94
N ASP A 44 -60.61 -2.02 -28.24
CA ASP A 44 -61.90 -1.83 -28.89
C ASP A 44 -62.16 -0.37 -29.26
N MET A 45 -61.46 0.57 -28.64
CA MET A 45 -61.89 1.96 -28.61
C MET A 45 -61.15 2.83 -29.62
N MET A 46 -61.89 3.70 -30.30
CA MET A 46 -61.30 4.60 -31.29
C MET A 46 -60.46 5.67 -30.63
N VAL A 47 -59.25 5.88 -31.16
CA VAL A 47 -58.37 6.91 -30.61
C VAL A 47 -58.92 8.28 -30.95
N ARG A 48 -59.19 9.07 -29.91
CA ARG A 48 -59.67 10.44 -30.11
C ARG A 48 -58.48 11.39 -30.12
N GLU A 49 -58.41 12.22 -31.15
CA GLU A 49 -57.50 13.35 -31.10
C GLU A 49 -57.70 14.07 -29.77
N GLN A 50 -56.59 14.48 -29.15
CA GLN A 50 -56.66 14.88 -27.76
C GLN A 50 -55.61 15.95 -27.51
N ALA A 51 -55.19 16.07 -26.24
CA ALA A 51 -54.19 17.07 -25.88
C ALA A 51 -52.82 16.67 -26.41
N ARG A 52 -52.34 15.49 -26.05
CA ARG A 52 -51.04 15.03 -26.50
C ARG A 52 -51.12 14.03 -27.65
N VAL A 53 -52.29 13.88 -28.28
CA VAL A 53 -52.53 12.84 -29.28
C VAL A 53 -53.03 13.50 -30.57
N SER A 54 -52.44 13.12 -31.70
CA SER A 54 -52.77 13.79 -32.95
C SER A 54 -52.53 12.86 -34.13
N PHE A 55 -53.21 13.14 -35.24
CA PHE A 55 -53.21 12.30 -36.43
C PHE A 55 -52.31 12.94 -37.50
N LEU A 56 -51.26 12.22 -37.89
CA LEU A 56 -50.28 12.72 -38.83
C LEU A 56 -50.72 12.49 -40.29
N ASN A 57 -50.15 13.30 -41.20
CA ASN A 57 -50.49 13.20 -42.63
C ASN A 57 -50.31 11.78 -43.16
N ASP A 58 -49.23 11.11 -42.75
CA ASP A 58 -48.91 9.78 -43.23
C ASP A 58 -49.62 8.69 -42.46
N GLY A 59 -50.79 8.99 -41.90
CA GLY A 59 -51.58 8.01 -41.19
C GLY A 59 -50.98 7.51 -39.90
N GLY A 60 -49.94 8.18 -39.40
CA GLY A 60 -49.33 7.76 -38.16
C GLY A 60 -49.97 8.41 -36.96
N LEU A 61 -49.75 7.81 -35.79
CA LEU A 61 -50.27 8.31 -34.53
C LEU A 61 -49.10 8.81 -33.69
N LYS A 62 -49.19 10.06 -33.23
CA LYS A 62 -48.19 10.70 -32.39
C LYS A 62 -48.77 10.87 -30.99
N ILE A 63 -48.07 10.36 -29.98
CA ILE A 63 -48.44 10.50 -28.57
C ILE A 63 -47.27 11.16 -27.85
N MET A 64 -47.56 12.19 -27.05
CA MET A 64 -46.55 12.98 -26.37
C MET A 64 -46.62 12.75 -24.87
N ASN A 65 -45.45 12.80 -24.23
CA ASN A 65 -45.32 12.60 -22.79
C ASN A 65 -46.05 11.34 -22.33
N VAL A 66 -45.68 10.22 -22.94
CA VAL A 66 -46.41 8.98 -22.70
C VAL A 66 -46.43 8.66 -21.21
N THR A 67 -47.58 8.20 -20.76
CA THR A 67 -47.74 7.59 -19.45
C THR A 67 -47.88 6.09 -19.63
N LYS A 68 -47.76 5.37 -18.52
CA LYS A 68 -48.10 3.94 -18.55
C LYS A 68 -49.57 3.72 -18.87
N ALA A 69 -50.41 4.75 -18.66
CA ALA A 69 -51.81 4.66 -19.07
C ALA A 69 -51.97 4.53 -20.57
N ASP A 70 -51.04 5.12 -21.34
CA ASP A 70 -51.09 5.04 -22.80
C ASP A 70 -50.72 3.66 -23.31
N ALA A 71 -50.08 2.83 -22.48
CA ALA A 71 -49.73 1.49 -22.93
C ALA A 71 -50.98 0.74 -23.35
N GLY A 72 -50.83 -0.16 -24.30
CA GLY A 72 -51.94 -0.95 -24.78
C GLY A 72 -51.73 -1.37 -26.21
N THR A 73 -52.80 -1.86 -26.82
CA THR A 73 -52.75 -2.44 -28.15
C THR A 73 -53.39 -1.48 -29.13
N TYR A 74 -52.60 -0.97 -30.05
CA TYR A 74 -53.06 -0.05 -31.08
C TYR A 74 -53.14 -0.78 -32.41
N THR A 75 -54.33 -0.76 -33.03
CA THR A 75 -54.53 -1.31 -34.36
C THR A 75 -54.88 -0.18 -35.33
N CYS A 76 -54.37 -0.29 -36.55
CA CYS A 76 -54.62 0.65 -37.64
C CYS A 76 -55.42 -0.06 -38.74
N THR A 77 -56.66 0.35 -38.94
CA THR A 77 -57.53 -0.20 -39.97
C THR A 77 -57.57 0.74 -41.17
N ALA A 78 -57.13 0.25 -42.33
CA ALA A 78 -57.16 0.99 -43.58
C ALA A 78 -58.20 0.39 -44.51
N GLU A 79 -58.90 1.23 -45.28
CA GLU A 79 -59.94 0.74 -46.19
C GLU A 79 -59.78 1.34 -47.58
N ASN A 80 -60.00 0.49 -48.59
CA ASN A 80 -59.97 0.83 -50.01
C ASN A 80 -61.29 0.49 -50.65
N GLN A 81 -61.46 0.91 -51.90
CA GLN A 81 -62.49 0.37 -52.77
C GLN A 81 -62.50 -1.15 -52.74
N PHE A 82 -61.33 -1.76 -52.57
CA PHE A 82 -61.12 -3.19 -52.75
C PHE A 82 -61.00 -3.94 -51.41
N GLY A 83 -61.01 -3.24 -50.29
CA GLY A 83 -61.16 -3.91 -49.01
C GLY A 83 -60.51 -3.14 -47.88
N LYS A 84 -60.52 -3.79 -46.71
CA LYS A 84 -59.85 -3.31 -45.51
C LYS A 84 -58.68 -4.21 -45.17
N ALA A 85 -57.72 -3.63 -44.45
CA ALA A 85 -56.59 -4.36 -43.90
C ALA A 85 -56.27 -3.77 -42.54
N ASN A 86 -55.60 -4.56 -41.69
CA ASN A 86 -55.35 -4.17 -40.33
C ASN A 86 -53.91 -4.47 -39.97
N GLY A 87 -53.32 -3.57 -39.19
CA GLY A 87 -52.02 -3.82 -38.59
C GLY A 87 -52.05 -3.48 -37.12
N THR A 88 -51.30 -4.24 -36.33
CA THR A 88 -51.34 -4.12 -34.88
C THR A 88 -49.95 -3.87 -34.32
N THR A 89 -49.86 -2.92 -33.38
CA THR A 89 -48.64 -2.61 -32.63
C THR A 89 -48.97 -2.57 -31.14
N HIS A 90 -48.15 -3.25 -30.34
CA HIS A 90 -48.32 -3.24 -28.89
C HIS A 90 -47.37 -2.21 -28.30
N LEU A 91 -47.94 -1.20 -27.63
CA LEU A 91 -47.16 -0.15 -26.98
C LEU A 91 -46.91 -0.52 -25.52
N VAL A 92 -45.64 -0.65 -25.16
CA VAL A 92 -45.20 -0.92 -23.80
C VAL A 92 -44.53 0.35 -23.28
N VAL A 93 -45.03 0.89 -22.18
CA VAL A 93 -44.46 2.07 -21.55
C VAL A 93 -43.73 1.63 -20.30
N THR A 94 -42.43 1.89 -20.23
CA THR A 94 -41.60 1.39 -19.15
C THR A 94 -40.98 2.54 -18.37
N GLU A 95 -40.83 2.32 -17.06
CA GLU A 95 -40.20 3.29 -16.19
C GLU A 95 -38.72 3.45 -16.57
N PRO A 96 -38.13 4.58 -16.20
CA PRO A 96 -36.68 4.75 -16.40
C PRO A 96 -35.88 3.90 -15.41
N THR A 97 -34.75 3.40 -15.88
CA THR A 97 -33.77 2.82 -14.97
C THR A 97 -33.08 3.93 -14.22
N ARG A 98 -32.95 3.78 -12.91
CA ARG A 98 -32.35 4.83 -12.09
C ARG A 98 -31.34 4.20 -11.14
N ILE A 99 -30.17 4.81 -11.02
CA ILE A 99 -29.15 4.29 -10.11
C ILE A 99 -29.45 4.79 -8.70
N ILE A 100 -29.64 3.86 -7.77
CA ILE A 100 -30.09 4.17 -6.42
C ILE A 100 -28.93 4.32 -5.44
N LEU A 101 -27.84 3.60 -5.65
CA LEU A 101 -26.65 3.73 -4.82
C LEU A 101 -25.47 3.68 -5.77
N ALA A 102 -24.63 4.69 -5.69
CA ALA A 102 -23.66 5.00 -6.73
C ALA A 102 -22.29 5.10 -6.10
N PRO A 103 -21.23 5.05 -6.91
CA PRO A 103 -19.88 5.26 -6.37
C PRO A 103 -19.72 6.62 -5.68
N SER A 104 -19.02 6.63 -4.55
CA SER A 104 -18.65 7.88 -3.88
C SER A 104 -17.27 8.35 -4.34
N ASN A 105 -17.07 9.66 -4.30
CA ASN A 105 -15.73 10.17 -4.54
C ASN A 105 -14.90 9.95 -3.29
N MET A 106 -13.64 9.53 -3.48
CA MET A 106 -12.81 9.09 -2.35
C MET A 106 -11.36 9.51 -2.49
N ASP A 107 -10.78 9.90 -1.34
CA ASP A 107 -9.35 10.09 -1.12
C ASP A 107 -8.90 9.03 -0.10
N VAL A 108 -8.12 8.03 -0.54
CA VAL A 108 -7.90 6.85 0.28
C VAL A 108 -6.44 6.38 0.24
N ALA A 109 -6.00 5.77 1.34
CA ALA A 109 -4.63 5.31 1.44
C ALA A 109 -4.45 3.93 0.81
N VAL A 110 -3.25 3.67 0.29
CA VAL A 110 -2.99 2.37 -0.32
C VAL A 110 -3.07 1.28 0.74
N GLY A 111 -3.51 0.09 0.30
CA GLY A 111 -3.74 -1.04 1.18
C GLY A 111 -5.15 -1.13 1.71
N GLU A 112 -5.93 -0.07 1.57
CA GLU A 112 -7.32 -0.09 2.02
C GLU A 112 -8.18 -0.85 1.02
N SER A 113 -9.31 -1.34 1.52
CA SER A 113 -10.33 -1.97 0.68
C SER A 113 -11.59 -1.10 0.71
N VAL A 114 -12.10 -0.75 -0.47
CA VAL A 114 -13.31 0.06 -0.57
C VAL A 114 -14.33 -0.61 -1.49
N ILE A 115 -15.57 -0.14 -1.39
CA ILE A 115 -16.67 -0.63 -2.21
C ILE A 115 -17.26 0.54 -2.98
N LEU A 116 -17.30 0.43 -4.31
CA LEU A 116 -17.99 1.39 -5.15
C LEU A 116 -19.34 0.78 -5.53
N PRO A 117 -20.45 1.21 -4.92
CA PRO A 117 -21.72 0.55 -5.16
C PRO A 117 -22.31 0.93 -6.51
N CYS A 118 -23.22 0.08 -6.99
CA CYS A 118 -24.04 0.43 -8.15
C CYS A 118 -25.33 -0.36 -8.12
N GLN A 119 -26.28 0.06 -7.29
CA GLN A 119 -27.61 -0.54 -7.23
C GLN A 119 -28.54 0.27 -8.11
N VAL A 120 -29.48 -0.42 -8.74
CA VAL A 120 -30.45 0.25 -9.58
C VAL A 120 -31.85 -0.21 -9.22
N GLN A 121 -32.77 0.71 -9.39
CA GLN A 121 -34.18 0.41 -9.50
C GLN A 121 -34.51 0.49 -10.98
N HIS A 122 -35.27 -0.49 -11.46
CA HIS A 122 -35.63 -0.52 -12.87
C HIS A 122 -37.03 -1.12 -12.99
N ASP A 123 -37.64 -0.87 -14.14
CA ASP A 123 -38.93 -1.47 -14.44
C ASP A 123 -38.75 -2.97 -14.64
N PRO A 124 -39.57 -3.82 -14.00
CA PRO A 124 -39.35 -5.27 -14.07
C PRO A 124 -39.57 -5.88 -15.45
N LEU A 125 -40.20 -5.17 -16.37
CA LEU A 125 -40.37 -5.70 -17.73
C LEU A 125 -39.03 -5.85 -18.45
N LEU A 126 -38.01 -5.12 -18.00
CA LEU A 126 -36.75 -4.98 -18.69
C LEU A 126 -35.66 -5.78 -18.00
N ASP A 127 -34.58 -5.98 -18.73
CA ASP A 127 -33.36 -6.56 -18.21
C ASP A 127 -32.26 -5.51 -18.25
N ILE A 128 -31.27 -5.65 -17.36
CA ILE A 128 -30.23 -4.64 -17.19
C ILE A 128 -28.84 -5.27 -17.33
N MET A 129 -27.89 -4.48 -17.82
CA MET A 129 -26.49 -4.87 -17.95
C MET A 129 -25.64 -3.82 -17.27
N PHE A 130 -24.78 -4.27 -16.35
CA PHE A 130 -23.83 -3.42 -15.68
C PHE A 130 -22.51 -3.37 -16.43
N ALA A 131 -21.88 -2.19 -16.43
CA ALA A 131 -20.55 -2.01 -16.99
C ALA A 131 -19.81 -0.95 -16.18
N TRP A 132 -18.52 -1.17 -16.03
CA TRP A 132 -17.60 -0.25 -15.39
C TRP A 132 -16.65 0.31 -16.41
N TYR A 133 -16.27 1.57 -16.24
CA TYR A 133 -15.25 2.19 -17.09
C TYR A 133 -14.20 2.77 -16.16
N PHE A 134 -12.93 2.62 -16.52
CA PHE A 134 -11.83 3.14 -15.73
C PHE A 134 -11.00 4.07 -16.59
N ASN A 135 -10.94 5.35 -16.20
CA ASN A 135 -10.36 6.43 -17.03
C ASN A 135 -10.91 6.38 -18.45
N GLY A 136 -12.20 6.09 -18.58
CA GLY A 136 -12.84 6.10 -19.87
C GLY A 136 -12.84 4.79 -20.62
N ALA A 137 -12.18 3.74 -20.12
CA ALA A 137 -12.03 2.48 -20.83
C ALA A 137 -12.90 1.41 -20.20
N LEU A 138 -13.66 0.69 -21.04
CA LEU A 138 -14.47 -0.42 -20.57
C LEU A 138 -13.58 -1.50 -19.97
N THR A 139 -13.99 -2.01 -18.80
CA THR A 139 -13.20 -3.05 -18.12
C THR A 139 -14.14 -3.83 -17.20
N ASP A 140 -13.86 -5.12 -17.05
CA ASP A 140 -14.49 -5.90 -15.99
C ASP A 140 -13.52 -6.19 -14.85
N PHE A 141 -12.30 -5.65 -14.94
CA PHE A 141 -11.27 -5.70 -13.91
C PHE A 141 -10.68 -7.07 -13.68
N LYS A 142 -11.05 -8.08 -14.46
CA LYS A 142 -10.60 -9.44 -14.16
C LYS A 142 -9.12 -9.68 -14.43
N LYS A 143 -8.48 -8.86 -15.26
CA LYS A 143 -7.05 -8.99 -15.53
C LYS A 143 -6.20 -8.45 -14.39
N ASP A 144 -6.79 -7.71 -13.48
CA ASP A 144 -6.08 -7.19 -12.32
C ASP A 144 -6.65 -7.87 -11.09
N GLY A 145 -7.01 -9.16 -11.25
CA GLY A 145 -7.55 -9.90 -10.14
C GLY A 145 -6.65 -9.80 -8.92
N SER A 146 -7.25 -10.15 -7.80
CA SER A 146 -6.75 -9.94 -6.45
C SER A 146 -6.87 -8.48 -6.06
N HIS A 147 -7.27 -7.59 -6.94
CA HIS A 147 -7.59 -6.25 -6.47
C HIS A 147 -9.05 -5.88 -6.66
N PHE A 148 -9.81 -6.69 -7.41
CA PHE A 148 -11.18 -6.36 -7.76
C PHE A 148 -12.07 -7.58 -7.62
N GLU A 149 -13.25 -7.37 -7.03
CA GLU A 149 -14.28 -8.39 -6.97
C GLU A 149 -15.63 -7.74 -7.25
N LYS A 150 -16.45 -8.37 -8.11
CA LYS A 150 -17.82 -7.90 -8.28
C LYS A 150 -18.66 -8.53 -7.19
N VAL A 151 -19.22 -7.71 -6.30
CA VAL A 151 -19.89 -8.23 -5.11
C VAL A 151 -21.38 -7.92 -5.18
N GLY A 152 -22.15 -8.70 -4.44
CA GLY A 152 -23.56 -8.43 -4.24
C GLY A 152 -24.49 -9.31 -5.03
N GLY A 153 -24.00 -10.04 -6.02
CA GLY A 153 -24.82 -10.98 -6.75
C GLY A 153 -25.20 -10.49 -8.14
N SER A 154 -26.03 -11.29 -8.82
CA SER A 154 -26.40 -11.03 -10.21
C SER A 154 -27.20 -9.76 -10.39
N SER A 155 -27.89 -9.31 -9.36
CA SER A 155 -28.70 -8.11 -9.44
C SER A 155 -27.91 -6.83 -9.19
N SER A 156 -26.64 -6.92 -8.82
CA SER A 156 -25.87 -5.76 -8.41
C SER A 156 -24.64 -5.58 -9.30
N GLY A 157 -24.18 -4.35 -9.38
CA GLY A 157 -22.93 -4.08 -10.05
C GLY A 157 -21.86 -3.56 -9.10
N ASP A 158 -22.06 -3.73 -7.79
CA ASP A 158 -21.07 -3.23 -6.83
C ASP A 158 -19.66 -3.76 -7.13
N LEU A 159 -18.70 -2.86 -7.02
CA LEU A 159 -17.28 -3.16 -7.23
C LEU A 159 -16.53 -3.00 -5.91
N MET A 160 -15.82 -4.05 -5.50
CA MET A 160 -14.92 -4.01 -4.36
C MET A 160 -13.49 -3.87 -4.88
N ILE A 161 -12.78 -2.86 -4.41
CA ILE A 161 -11.35 -2.72 -4.67
C ILE A 161 -10.62 -3.18 -3.42
N ARG A 162 -9.81 -4.22 -3.55
CA ARG A 162 -9.04 -4.75 -2.42
C ARG A 162 -7.59 -4.29 -2.50
N ASN A 163 -7.04 -3.87 -1.37
CA ASN A 163 -5.62 -3.57 -1.25
C ASN A 163 -5.20 -2.56 -2.31
N ILE A 164 -5.89 -1.42 -2.30
CA ILE A 164 -5.83 -0.51 -3.42
C ILE A 164 -4.41 0.07 -3.56
N GLN A 165 -3.99 0.28 -4.79
CA GLN A 165 -2.64 0.75 -5.07
C GLN A 165 -2.70 2.10 -5.80
N LEU A 166 -1.55 2.75 -5.89
CA LEU A 166 -1.53 4.04 -6.58
C LEU A 166 -2.08 3.91 -8.00
N LYS A 167 -1.79 2.80 -8.68
CA LYS A 167 -2.18 2.69 -10.07
C LYS A 167 -3.70 2.58 -10.24
N HIS A 168 -4.44 2.44 -9.14
CA HIS A 168 -5.89 2.39 -9.16
C HIS A 168 -6.56 3.77 -9.00
N SER A 169 -5.79 4.86 -8.90
CA SER A 169 -6.36 6.20 -8.93
C SER A 169 -6.98 6.48 -10.29
N GLY A 170 -8.14 7.13 -10.30
CA GLY A 170 -8.75 7.54 -11.56
C GLY A 170 -10.24 7.76 -11.43
N LYS A 171 -10.86 8.03 -12.59
CA LYS A 171 -12.29 8.16 -12.72
C LYS A 171 -12.92 6.76 -12.92
N TYR A 172 -13.90 6.44 -12.08
CA TYR A 172 -14.68 5.22 -12.19
C TYR A 172 -16.10 5.60 -12.64
N VAL A 173 -16.67 4.86 -13.58
CA VAL A 173 -18.03 5.13 -14.09
C VAL A 173 -18.82 3.83 -14.09
N CYS A 174 -19.87 3.76 -13.28
CA CYS A 174 -20.80 2.64 -13.39
C CYS A 174 -21.90 2.98 -14.38
N MET A 175 -22.10 2.12 -15.38
CA MET A 175 -23.12 2.34 -16.40
C MET A 175 -24.09 1.18 -16.43
N VAL A 176 -25.37 1.50 -16.56
CA VAL A 176 -26.44 0.52 -16.57
C VAL A 176 -27.18 0.68 -17.88
N GLN A 177 -27.10 -0.34 -18.73
CA GLN A 177 -27.79 -0.40 -20.00
C GLN A 177 -29.10 -1.14 -19.82
N THR A 178 -30.14 -0.64 -20.49
CA THR A 178 -31.46 -1.24 -20.53
C THR A 178 -31.95 -1.07 -21.94
N GLY A 179 -31.95 -2.15 -22.72
CA GLY A 179 -32.23 -2.03 -24.14
C GLY A 179 -31.32 -0.99 -24.75
N VAL A 180 -31.91 0.08 -25.31
CA VAL A 180 -31.15 1.19 -25.85
C VAL A 180 -30.91 2.31 -24.83
N ASP A 181 -31.51 2.23 -23.65
CA ASP A 181 -31.44 3.26 -22.63
C ASP A 181 -30.26 3.03 -21.69
N SER A 182 -29.91 4.06 -20.94
CA SER A 182 -28.61 4.05 -20.28
C SER A 182 -28.61 5.11 -19.19
N VAL A 183 -28.10 4.75 -18.02
CA VAL A 183 -27.73 5.72 -17.01
C VAL A 183 -26.34 5.36 -16.49
N SER A 184 -25.66 6.35 -15.93
CA SER A 184 -24.37 6.10 -15.31
C SER A 184 -24.12 7.13 -14.21
N SER A 185 -23.14 6.83 -13.34
CA SER A 185 -22.61 7.88 -12.48
C SER A 185 -21.13 7.64 -12.23
N ALA A 186 -20.40 8.73 -12.25
CA ALA A 186 -18.96 8.75 -12.16
C ALA A 186 -18.51 9.21 -10.78
N ALA A 187 -17.34 8.72 -10.37
CA ALA A 187 -16.66 9.21 -9.18
C ALA A 187 -15.16 9.09 -9.38
N GLU A 188 -14.41 9.91 -8.66
CA GLU A 188 -12.96 9.96 -8.74
C GLU A 188 -12.36 9.39 -7.47
N LEU A 189 -11.42 8.47 -7.66
CA LEU A 189 -10.66 7.91 -6.56
C LEU A 189 -9.26 8.47 -6.67
N ILE A 190 -8.81 9.18 -5.64
CA ILE A 190 -7.42 9.57 -5.53
C ILE A 190 -6.83 8.72 -4.41
N VAL A 191 -5.66 8.15 -4.69
CA VAL A 191 -5.02 7.18 -3.81
C VAL A 191 -3.68 7.77 -3.39
N ARG A 192 -3.39 7.75 -2.09
CA ARG A 192 -2.14 8.25 -1.56
C ARG A 192 -1.47 7.15 -0.75
N GLY A 193 -0.13 7.17 -0.71
CA GLY A 193 0.62 6.14 -0.01
C GLY A 193 1.77 6.68 0.81
N SER A 194 2.43 5.75 1.52
CA SER A 194 3.73 5.96 2.15
C SER A 194 4.70 6.42 1.07
N PRO A 195 5.70 7.24 1.40
CA PRO A 195 6.69 7.63 0.38
C PRO A 195 7.39 6.42 -0.18
N GLY A 196 7.85 6.56 -1.42
CA GLY A 196 8.74 5.58 -2.01
C GLY A 196 10.03 5.47 -1.22
N PRO A 197 10.79 4.42 -1.45
CA PRO A 197 12.11 4.29 -0.80
C PRO A 197 13.02 5.45 -1.19
N PRO A 198 13.71 6.07 -0.24
CA PRO A 198 14.78 7.00 -0.63
C PRO A 198 15.82 6.28 -1.46
N GLU A 199 16.56 7.05 -2.25
CA GLU A 199 17.54 6.51 -3.18
C GLU A 199 18.91 7.13 -2.92
N ASN A 200 19.92 6.55 -3.56
CA ASN A 200 21.25 7.13 -3.63
C ASN A 200 21.84 7.36 -2.24
N VAL A 201 21.65 6.40 -1.35
CA VAL A 201 22.16 6.54 0.00
C VAL A 201 23.68 6.48 -0.01
N LYS A 202 24.28 7.47 0.62
CA LYS A 202 25.70 7.81 0.53
C LYS A 202 26.20 7.94 1.96
N VAL A 203 27.39 7.42 2.24
CA VAL A 203 27.98 7.54 3.57
C VAL A 203 29.40 8.07 3.43
N ASP A 204 29.70 9.15 4.15
CA ASP A 204 31.03 9.74 4.12
C ASP A 204 31.42 10.17 5.53
N GLU A 205 32.50 10.96 5.61
CA GLU A 205 33.00 11.52 6.87
C GLU A 205 32.96 10.51 8.01
N ILE A 206 33.34 9.27 7.72
CA ILE A 206 33.37 8.22 8.73
C ILE A 206 34.43 8.51 9.79
N THR A 207 34.02 8.45 11.06
CA THR A 207 34.87 8.64 12.23
C THR A 207 34.85 7.31 13.00
N ASP A 208 35.37 7.33 14.23
CA ASP A 208 35.26 6.14 15.06
C ASP A 208 33.84 5.93 15.58
N THR A 209 33.07 7.01 15.79
CA THR A 209 31.69 6.87 16.26
C THR A 209 30.63 7.60 15.44
N THR A 210 31.00 8.28 14.35
CA THR A 210 30.01 9.00 13.56
C THR A 210 30.23 8.77 12.07
N ALA A 211 29.21 9.15 11.29
CA ALA A 211 29.24 9.11 9.84
C ALA A 211 28.18 10.06 9.29
N GLN A 212 28.50 10.72 8.19
CA GLN A 212 27.52 11.55 7.50
C GLN A 212 26.79 10.73 6.44
N LEU A 213 25.46 10.78 6.47
CA LEU A 213 24.62 10.13 5.49
C LEU A 213 23.94 11.18 4.61
N SER A 214 23.89 10.90 3.31
CA SER A 214 23.18 11.73 2.36
C SER A 214 22.29 10.83 1.51
N TRP A 215 21.21 11.40 0.98
CA TRP A 215 20.29 10.63 0.14
C TRP A 215 19.39 11.58 -0.63
N THR A 216 18.76 11.06 -1.67
CA THR A 216 17.80 11.79 -2.48
C THR A 216 16.41 11.25 -2.21
N GLU A 217 15.39 12.12 -2.36
CA GLU A 217 14.02 11.69 -2.08
C GLU A 217 13.52 10.69 -3.11
N GLY A 218 12.70 9.75 -2.65
CA GLY A 218 12.14 8.73 -3.51
C GLY A 218 10.82 9.18 -4.10
N THR A 219 10.14 8.21 -4.73
CA THR A 219 8.99 8.54 -5.56
C THR A 219 7.92 9.23 -4.74
N ASP A 220 7.26 10.18 -5.38
CA ASP A 220 6.12 10.88 -4.82
C ASP A 220 4.95 9.90 -4.73
N SER A 221 4.53 9.59 -3.49
CA SER A 221 3.30 8.84 -3.32
C SER A 221 2.11 9.76 -3.06
N HIS A 222 2.24 11.03 -3.46
CA HIS A 222 1.15 11.99 -3.54
C HIS A 222 0.75 12.47 -2.16
N SER A 223 1.71 12.49 -1.23
CA SER A 223 1.56 13.18 0.02
C SER A 223 2.97 13.47 0.53
N PRO A 224 3.28 14.73 0.83
CA PRO A 224 4.68 15.14 1.00
C PRO A 224 5.34 14.50 2.21
N VAL A 225 6.67 14.40 2.11
CA VAL A 225 7.46 13.75 3.16
C VAL A 225 7.60 14.70 4.34
N ILE A 226 7.38 14.18 5.55
CA ILE A 226 7.51 14.99 6.77
C ILE A 226 8.73 14.62 7.59
N SER A 227 9.37 13.49 7.29
CA SER A 227 10.30 12.90 8.24
C SER A 227 11.18 11.90 7.52
N TYR A 228 12.42 11.77 7.99
CA TYR A 228 13.34 10.72 7.58
C TYR A 228 13.90 10.05 8.83
N ALA A 229 14.08 8.75 8.76
CA ALA A 229 14.69 7.97 9.84
C ALA A 229 15.81 7.11 9.28
N VAL A 230 16.75 6.72 10.15
CA VAL A 230 17.94 6.00 9.74
C VAL A 230 18.03 4.69 10.51
N GLN A 231 18.32 3.61 9.79
CA GLN A 231 18.58 2.31 10.40
C GLN A 231 19.94 1.79 9.95
N ALA A 232 20.47 0.83 10.71
CA ALA A 232 21.77 0.27 10.36
C ALA A 232 21.84 -1.18 10.79
N ARG A 233 22.72 -1.91 10.11
CA ARG A 233 22.91 -3.33 10.31
C ARG A 233 24.39 -3.58 10.54
N THR A 234 24.71 -4.46 11.50
CA THR A 234 26.09 -4.84 11.83
C THR A 234 26.11 -6.34 12.01
N PRO A 235 27.28 -6.97 12.12
CA PRO A 235 27.31 -8.38 12.53
C PRO A 235 26.64 -8.62 13.87
N PHE A 236 26.71 -7.64 14.77
CA PHE A 236 26.14 -7.80 16.11
C PHE A 236 24.66 -7.47 16.16
N SER A 237 24.16 -6.63 15.24
CA SER A 237 22.77 -6.22 15.29
C SER A 237 21.85 -7.34 14.82
N VAL A 238 20.70 -7.45 15.47
CA VAL A 238 19.71 -8.44 15.09
C VAL A 238 18.93 -7.87 13.91
N GLY A 239 19.56 -7.81 12.74
CA GLY A 239 18.94 -7.17 11.60
C GLY A 239 19.07 -5.65 11.65
N TRP A 240 18.13 -4.96 11.01
CA TRP A 240 18.15 -3.51 10.97
C TRP A 240 17.60 -2.92 12.26
N GLN A 241 18.26 -1.89 12.76
CA GLN A 241 17.90 -1.23 14.01
C GLN A 241 18.08 0.27 13.84
N SER A 242 17.25 1.01 14.55
CA SER A 242 17.32 2.46 14.55
C SER A 242 18.65 2.97 15.12
N VAL A 243 19.13 4.08 14.56
CA VAL A 243 20.33 4.74 15.04
C VAL A 243 19.99 6.18 15.40
N ARG A 244 20.76 6.76 16.31
CA ARG A 244 20.59 8.14 16.68
C ARG A 244 21.20 9.03 15.61
N THR A 245 20.54 10.16 15.32
CA THR A 245 21.02 11.11 14.34
C THR A 245 21.19 12.50 14.97
N VAL A 246 22.00 13.31 14.31
CA VAL A 246 21.99 14.75 14.47
C VAL A 246 21.68 15.32 13.11
N PRO A 247 20.56 16.03 12.97
CA PRO A 247 19.56 16.42 13.97
C PRO A 247 18.80 15.25 14.55
N GLU A 248 18.23 15.43 15.75
CA GLU A 248 17.52 14.33 16.39
C GLU A 248 16.35 13.87 15.54
N VAL A 249 15.65 14.81 14.91
CA VAL A 249 14.58 14.52 13.97
C VAL A 249 14.94 15.18 12.64
N ILE A 250 14.85 14.41 11.56
CA ILE A 250 15.22 14.89 10.23
C ILE A 250 13.95 15.33 9.47
N ASP A 251 13.96 16.58 8.99
CA ASP A 251 12.84 17.16 8.24
C ASP A 251 12.60 16.42 6.94
N GLY A 252 11.38 16.55 6.43
CA GLY A 252 11.11 16.16 5.05
C GLY A 252 11.89 16.96 4.02
N LYS A 253 12.48 18.09 4.41
CA LYS A 253 13.34 18.88 3.55
C LYS A 253 14.82 18.67 3.84
N THR A 254 15.17 17.76 4.74
CA THR A 254 16.54 17.54 5.18
C THR A 254 17.03 16.21 4.61
N HIS A 255 18.04 16.26 3.75
CA HIS A 255 18.50 15.05 3.06
C HIS A 255 19.88 14.61 3.48
N THR A 256 20.38 15.11 4.62
CA THR A 256 21.68 14.73 5.15
C THR A 256 21.61 14.77 6.67
N ALA A 257 22.34 13.86 7.30
CA ALA A 257 22.33 13.78 8.75
C ALA A 257 23.58 13.06 9.23
N THR A 258 23.91 13.29 10.48
CA THR A 258 25.06 12.67 11.11
C THR A 258 24.56 11.51 11.97
N VAL A 259 25.05 10.32 11.71
CA VAL A 259 24.79 9.21 12.60
C VAL A 259 25.79 9.25 13.74
N VAL A 260 25.32 9.02 14.96
CA VAL A 260 26.14 9.15 16.16
C VAL A 260 26.02 7.90 17.03
N GLU A 261 26.98 7.76 17.96
CA GLU A 261 27.01 6.66 18.91
C GLU A 261 27.23 5.30 18.23
N LEU A 262 27.94 5.30 17.11
CA LEU A 262 28.41 4.05 16.54
C LEU A 262 29.58 3.49 17.36
N ASN A 263 29.82 2.19 17.19
CA ASN A 263 30.97 1.60 17.85
C ASN A 263 32.17 1.59 16.92
N PRO A 264 33.35 1.95 17.43
CA PRO A 264 34.57 1.92 16.61
C PRO A 264 34.86 0.51 16.09
N TRP A 265 35.39 0.46 14.86
CA TRP A 265 35.90 -0.80 14.25
C TRP A 265 34.79 -1.83 14.01
N VAL A 266 33.57 -1.38 13.77
CA VAL A 266 32.46 -2.26 13.45
C VAL A 266 32.05 -1.99 12.02
N GLU A 267 31.59 -3.05 11.35
CA GLU A 267 31.11 -2.91 9.99
C GLU A 267 29.64 -2.51 10.00
N TYR A 268 29.26 -1.61 9.08
CA TYR A 268 27.94 -1.00 9.07
C TYR A 268 27.37 -0.92 7.66
N GLU A 269 26.06 -1.08 7.56
CA GLU A 269 25.33 -0.63 6.40
C GLU A 269 24.19 0.22 6.90
N PHE A 270 23.80 1.21 6.11
CA PHE A 270 22.75 2.12 6.51
C PHE A 270 21.62 2.09 5.50
N ARG A 271 20.42 2.39 5.99
CA ARG A 271 19.30 2.66 5.10
C ARG A 271 18.44 3.76 5.71
N ILE A 272 17.59 4.36 4.87
CA ILE A 272 16.75 5.49 5.25
C ILE A 272 15.30 5.18 4.94
N VAL A 273 14.40 5.58 5.85
CA VAL A 273 12.97 5.37 5.68
C VAL A 273 12.27 6.72 5.70
N ALA A 274 11.48 7.00 4.67
CA ALA A 274 10.72 8.24 4.61
C ALA A 274 9.30 8.00 5.12
N SER A 275 8.77 9.02 5.82
CA SER A 275 7.38 9.02 6.30
C SER A 275 6.62 10.23 5.76
N ASN A 276 5.30 10.07 5.67
CA ASN A 276 4.39 11.17 5.39
C ASN A 276 3.17 10.95 6.26
N LYS A 277 2.16 11.82 6.14
CA LYS A 277 0.98 11.66 6.99
C LYS A 277 0.24 10.35 6.70
N ILE A 278 0.50 9.71 5.57
CA ILE A 278 -0.16 8.44 5.24
C ILE A 278 0.46 7.29 6.01
N GLY A 279 1.76 7.36 6.31
CA GLY A 279 2.41 6.32 7.06
C GLY A 279 3.90 6.25 6.75
N GLY A 280 4.56 5.31 7.42
CA GLY A 280 5.97 5.08 7.19
C GLY A 280 6.21 4.28 5.91
N GLY A 281 7.27 4.66 5.18
CA GLY A 281 7.49 4.17 3.84
C GLY A 281 8.38 2.94 3.76
N GLU A 282 8.61 2.51 2.54
CA GLU A 282 9.47 1.39 2.22
C GLU A 282 10.94 1.81 2.40
N PRO A 283 11.75 1.01 3.09
CA PRO A 283 13.13 1.42 3.36
C PRO A 283 13.94 1.47 2.08
N SER A 284 14.96 2.33 2.07
CA SER A 284 15.86 2.43 0.94
C SER A 284 16.59 1.12 0.72
N LEU A 285 17.18 1.00 -0.45
CA LEU A 285 18.23 0.00 -0.59
C LEU A 285 19.41 0.39 0.30
N PRO A 286 20.15 -0.57 0.87
CA PRO A 286 21.25 -0.24 1.77
C PRO A 286 22.39 0.49 1.06
N SER A 287 23.07 1.35 1.82
CA SER A 287 24.34 1.96 1.40
C SER A 287 25.43 0.92 1.22
N GLU A 288 26.57 1.36 0.68
CA GLU A 288 27.74 0.50 0.67
C GLU A 288 28.10 0.13 2.10
N LYS A 289 28.67 -1.05 2.28
CA LYS A 289 29.12 -1.46 3.59
C LYS A 289 30.43 -0.77 3.89
N VAL A 290 30.48 -0.07 5.01
CA VAL A 290 31.68 0.63 5.45
C VAL A 290 32.05 0.12 6.83
N ARG A 291 33.23 0.50 7.29
CA ARG A 291 33.69 0.22 8.64
C ARG A 291 34.11 1.51 9.33
N THR A 292 33.73 1.66 10.59
CA THR A 292 34.16 2.81 11.37
C THR A 292 35.65 2.73 11.70
N GLU A 293 36.26 3.89 11.96
CA GLU A 293 37.66 3.97 12.35
C GLU A 293 37.91 3.22 13.65
N GLU A 294 39.10 2.67 13.79
CA GLU A 294 39.42 2.03 15.06
C GLU A 294 39.97 3.07 16.03
N ALA A 295 40.03 2.68 17.29
CA ALA A 295 40.34 3.62 18.35
C ALA A 295 40.94 2.85 19.51
N ALA A 296 41.67 3.57 20.36
CA ALA A 296 42.13 3.00 21.61
C ALA A 296 40.93 2.47 22.40
N PRO A 297 41.10 1.38 23.16
CA PRO A 297 40.00 0.92 24.01
C PRO A 297 39.88 1.82 25.22
N GLU A 298 38.64 2.03 25.65
CA GLU A 298 38.38 2.95 26.73
C GLU A 298 37.74 2.31 27.94
N ILE A 299 37.31 1.06 27.87
CA ILE A 299 36.62 0.40 28.97
C ILE A 299 37.53 -0.70 29.51
N ALA A 300 38.03 -0.52 30.72
CA ALA A 300 38.73 -1.58 31.44
C ALA A 300 37.72 -2.62 31.91
N PRO A 301 38.19 -3.82 32.21
CA PRO A 301 37.28 -4.89 32.62
C PRO A 301 36.69 -4.65 34.00
N SER A 302 35.49 -5.21 34.18
CA SER A 302 34.79 -5.18 35.45
C SER A 302 35.13 -6.41 36.30
N GLU A 303 34.91 -6.26 37.60
CA GLU A 303 34.89 -7.36 38.54
C GLU A 303 36.19 -8.16 38.49
N VAL A 304 37.32 -7.45 38.47
CA VAL A 304 38.60 -8.14 38.62
C VAL A 304 38.63 -8.87 39.96
N SER A 305 39.08 -10.13 39.95
CA SER A 305 39.08 -10.94 41.16
C SER A 305 40.04 -12.13 41.05
N GLY A 306 39.72 -13.18 41.82
CA GLY A 306 40.48 -14.41 41.80
C GLY A 306 40.60 -15.01 43.18
N GLY A 307 41.65 -15.80 43.36
CA GLY A 307 41.86 -16.52 44.60
C GLY A 307 41.83 -18.01 44.38
N GLY A 308 42.21 -18.75 45.41
CA GLY A 308 42.22 -20.20 45.31
C GLY A 308 43.34 -20.67 44.42
N GLY A 309 43.23 -21.92 43.99
CA GLY A 309 44.23 -22.58 43.16
C GLY A 309 44.99 -23.61 43.97
N SER A 310 45.91 -24.27 43.28
CA SER A 310 46.72 -25.30 43.91
C SER A 310 48.05 -24.71 44.40
N ARG A 311 48.95 -25.57 44.88
CA ARG A 311 50.21 -25.13 45.49
C ARG A 311 50.94 -24.08 44.63
N SER A 312 51.38 -23.00 45.27
CA SER A 312 52.18 -21.92 44.67
C SER A 312 51.46 -21.14 43.56
N GLU A 313 50.13 -21.08 43.58
CA GLU A 313 49.41 -20.41 42.50
C GLU A 313 48.84 -19.07 42.94
N LEU A 314 48.79 -18.13 42.01
CA LEU A 314 47.99 -16.93 42.15
C LEU A 314 47.01 -16.91 40.98
N VAL A 315 45.71 -16.97 41.28
CA VAL A 315 44.67 -17.04 40.24
C VAL A 315 44.02 -15.67 40.11
N ILE A 316 44.04 -15.14 38.89
CA ILE A 316 43.46 -13.83 38.58
C ILE A 316 42.38 -14.00 37.53
N THR A 317 41.31 -13.24 37.70
CA THR A 317 40.08 -13.53 37.02
C THR A 317 39.39 -12.20 36.75
N TRP A 318 38.67 -12.11 35.63
CA TRP A 318 37.92 -10.88 35.35
C TRP A 318 36.80 -11.16 34.37
N ASP A 319 35.96 -10.13 34.16
CA ASP A 319 34.83 -10.20 33.22
C ASP A 319 35.32 -9.84 31.83
N PRO A 320 34.98 -10.60 30.81
CA PRO A 320 35.42 -10.26 29.46
C PRO A 320 34.82 -8.94 29.01
N VAL A 321 35.60 -8.19 28.23
CA VAL A 321 35.11 -6.96 27.62
C VAL A 321 34.37 -7.32 26.33
N PRO A 322 33.09 -6.95 26.20
CA PRO A 322 32.33 -7.34 25.00
C PRO A 322 32.98 -6.83 23.73
N GLU A 323 32.88 -7.66 22.68
CA GLU A 323 33.57 -7.41 21.43
C GLU A 323 33.34 -5.99 20.91
N GLU A 324 32.12 -5.47 21.04
CA GLU A 324 31.83 -4.18 20.44
C GLU A 324 32.47 -3.03 21.20
N LEU A 325 32.97 -3.27 22.41
CA LEU A 325 33.72 -2.30 23.18
C LEU A 325 35.23 -2.47 23.03
N GLN A 326 35.67 -3.35 22.16
CA GLN A 326 37.10 -3.54 21.97
C GLN A 326 37.71 -2.51 21.04
N ASN A 327 36.91 -1.85 20.21
CA ASN A 327 37.29 -0.64 19.49
C ASN A 327 38.36 -0.84 18.41
N GLY A 328 38.97 -2.01 18.32
CA GLY A 328 39.97 -2.24 17.28
C GLY A 328 40.47 -3.67 17.28
N GLY A 329 41.19 -4.01 16.22
CA GLY A 329 41.78 -5.35 16.12
C GLY A 329 42.98 -5.55 17.02
N GLY A 330 43.34 -6.81 17.21
CA GLY A 330 44.41 -7.15 18.11
C GLY A 330 44.13 -6.79 19.55
N PHE A 331 42.87 -6.79 19.95
CA PHE A 331 42.53 -6.48 21.33
C PHE A 331 43.16 -7.50 22.27
N GLY A 332 43.55 -7.03 23.45
CA GLY A 332 44.08 -7.92 24.45
C GLY A 332 44.06 -7.26 25.81
N TYR A 333 44.57 -8.00 26.80
CA TYR A 333 44.57 -7.56 28.18
C TYR A 333 46.00 -7.48 28.70
N VAL A 334 46.15 -6.81 29.85
CA VAL A 334 47.42 -6.67 30.54
C VAL A 334 47.15 -6.91 32.02
N VAL A 335 47.70 -8.01 32.57
CA VAL A 335 47.51 -8.36 33.97
C VAL A 335 48.71 -7.84 34.74
N ALA A 336 48.46 -7.07 35.79
CA ALA A 336 49.52 -6.53 36.62
C ALA A 336 49.28 -6.92 38.07
N PHE A 337 50.33 -7.37 38.75
CA PHE A 337 50.20 -7.76 40.14
C PHE A 337 51.47 -7.43 40.89
N ARG A 338 51.33 -7.38 42.21
CA ARG A 338 52.43 -7.07 43.10
C ARG A 338 52.00 -7.43 44.52
N PRO A 339 52.91 -7.90 45.36
CA PRO A 339 52.56 -8.11 46.77
C PRO A 339 52.11 -6.81 47.42
N LEU A 340 51.08 -6.91 48.25
CA LEU A 340 50.66 -5.77 49.04
C LEU A 340 51.84 -5.23 49.84
N GLY A 341 52.08 -3.93 49.70
CA GLY A 341 53.19 -3.28 50.34
C GLY A 341 54.32 -2.96 49.41
N VAL A 342 54.50 -3.76 48.40
CA VAL A 342 55.55 -3.64 47.39
C VAL A 342 55.07 -2.67 46.32
N THR A 343 56.00 -1.88 45.81
CA THR A 343 55.63 -0.85 44.84
C THR A 343 55.81 -1.28 43.38
N THR A 344 56.78 -2.12 43.04
CA THR A 344 57.01 -2.48 41.65
C THR A 344 55.97 -3.46 41.13
N TRP A 345 55.31 -3.12 40.03
CA TRP A 345 54.39 -4.04 39.37
C TRP A 345 55.16 -5.03 38.51
N ILE A 346 54.62 -6.25 38.46
CA ILE A 346 54.97 -7.19 37.41
C ILE A 346 53.76 -7.23 36.51
N GLN A 347 53.97 -7.13 35.22
CA GLN A 347 52.81 -7.28 34.36
C GLN A 347 53.14 -8.16 33.18
N THR A 348 52.12 -8.86 32.70
CA THR A 348 52.23 -9.64 31.49
C THR A 348 51.13 -9.22 30.53
N VAL A 349 51.44 -9.26 29.24
CA VAL A 349 50.46 -9.00 28.20
C VAL A 349 49.73 -10.28 27.87
N VAL A 350 48.41 -10.21 27.82
CA VAL A 350 47.57 -11.38 27.50
C VAL A 350 47.05 -11.17 26.08
N THR A 351 47.66 -11.89 25.15
CA THR A 351 47.43 -11.66 23.73
C THR A 351 46.03 -12.08 23.31
N SER A 352 45.52 -13.20 23.86
CA SER A 352 44.20 -13.64 23.44
C SER A 352 43.17 -13.31 24.51
N PRO A 353 42.09 -12.64 24.13
CA PRO A 353 41.00 -12.37 25.08
C PRO A 353 40.07 -13.55 25.33
N ASP A 354 40.33 -14.72 24.73
CA ASP A 354 39.36 -15.80 24.76
C ASP A 354 38.97 -16.19 26.19
N ASN A 355 39.90 -16.14 27.13
CA ASN A 355 39.54 -16.60 28.46
C ASN A 355 40.12 -15.63 29.49
N PRO A 356 39.30 -14.82 30.12
CA PRO A 356 39.79 -13.79 31.04
C PRO A 356 40.21 -14.40 32.38
N ARG A 357 41.36 -15.09 32.37
CA ARG A 357 41.84 -15.82 33.53
C ARG A 357 43.34 -16.07 33.37
N TYR A 358 44.10 -15.78 34.43
CA TYR A 358 45.54 -15.94 34.41
C TYR A 358 45.97 -16.60 35.71
N VAL A 359 46.83 -17.61 35.58
CA VAL A 359 47.39 -18.34 36.73
C VAL A 359 48.90 -18.17 36.69
N PHE A 360 49.48 -17.63 37.77
CA PHE A 360 50.90 -17.67 38.01
C PHE A 360 51.20 -18.84 38.94
N ARG A 361 52.15 -19.68 38.56
CA ARG A 361 52.59 -20.76 39.46
C ARG A 361 54.11 -20.86 39.48
N ASN A 362 54.73 -20.51 40.61
CA ASN A 362 56.14 -20.83 40.89
C ASN A 362 56.43 -20.53 42.36
N GLU A 363 57.65 -20.90 42.80
CA GLU A 363 58.08 -20.79 44.19
C GLU A 363 58.15 -19.36 44.72
N SER A 364 58.15 -18.34 43.85
CA SER A 364 58.13 -16.96 44.29
C SER A 364 56.77 -16.51 44.80
N ILE A 365 55.72 -17.28 44.53
CA ILE A 365 54.38 -16.96 44.98
C ILE A 365 54.22 -17.49 46.40
N VAL A 366 54.04 -16.57 47.35
CA VAL A 366 53.96 -16.92 48.76
C VAL A 366 52.56 -17.44 49.07
N PRO A 367 52.41 -18.55 49.77
CA PRO A 367 51.08 -19.07 50.12
C PRO A 367 50.17 -18.08 50.86
N PHE A 368 48.88 -18.17 50.52
CA PHE A 368 47.79 -17.35 51.05
C PHE A 368 48.26 -15.97 51.52
N SER A 369 48.71 -15.17 50.56
CA SER A 369 49.22 -13.84 50.75
C SER A 369 48.45 -12.82 49.93
N PRO A 370 48.36 -11.59 50.41
CA PRO A 370 47.59 -10.57 49.66
C PRO A 370 48.40 -10.03 48.48
N TYR A 371 47.76 -10.00 47.30
CA TYR A 371 48.35 -9.39 46.12
C TYR A 371 47.42 -8.30 45.58
N GLU A 372 48.00 -7.16 45.21
CA GLU A 372 47.28 -6.13 44.51
C GLU A 372 47.26 -6.48 43.02
N VAL A 373 46.09 -6.32 42.39
CA VAL A 373 45.89 -6.79 41.03
C VAL A 373 45.07 -5.78 40.27
N LYS A 374 45.50 -5.48 39.05
CA LYS A 374 44.72 -4.66 38.15
C LYS A 374 44.86 -5.24 36.76
N VAL A 375 43.83 -5.05 35.94
CA VAL A 375 43.80 -5.55 34.58
C VAL A 375 43.44 -4.42 33.64
N GLY A 376 44.20 -4.27 32.56
CA GLY A 376 43.97 -3.23 31.58
C GLY A 376 43.76 -3.82 30.19
N VAL A 377 43.47 -2.94 29.24
CA VAL A 377 43.11 -3.33 27.88
C VAL A 377 43.96 -2.54 26.90
N TYR A 378 44.15 -3.12 25.70
CA TYR A 378 44.86 -2.46 24.62
C TYR A 378 44.35 -3.05 23.32
N ASN A 379 44.63 -2.36 22.22
CA ASN A 379 44.40 -2.90 20.89
C ASN A 379 45.48 -2.34 19.98
N ASN A 380 45.33 -2.58 18.66
CA ASN A 380 46.34 -2.15 17.70
C ASN A 380 46.57 -0.63 17.68
N LYS A 381 45.63 0.17 18.17
CA LYS A 381 45.72 1.62 18.03
C LYS A 381 46.19 2.31 19.29
N GLY A 382 46.23 1.62 20.42
CA GLY A 382 46.70 2.25 21.63
C GLY A 382 46.43 1.40 22.85
N GLU A 383 46.84 1.94 23.99
CA GLU A 383 46.63 1.30 25.28
C GLU A 383 45.44 1.97 25.96
N GLY A 384 44.64 1.16 26.65
CA GLY A 384 43.50 1.66 27.37
C GLY A 384 43.77 1.75 28.85
N PRO A 385 42.72 1.99 29.64
CA PRO A 385 42.89 2.16 31.07
C PRO A 385 43.08 0.82 31.76
N PHE A 386 43.45 0.90 33.04
CA PHE A 386 43.45 -0.24 33.96
C PHE A 386 42.20 -0.20 34.80
N SER A 387 41.76 -1.38 35.21
CA SER A 387 40.73 -1.48 36.20
C SER A 387 41.26 -0.96 37.52
N PRO A 388 40.38 -0.51 38.41
CA PRO A 388 40.82 -0.22 39.77
C PRO A 388 41.55 -1.42 40.38
N VAL A 389 42.50 -1.11 41.25
CA VAL A 389 43.25 -2.14 41.96
C VAL A 389 42.34 -2.85 42.95
N THR A 390 42.44 -4.16 43.00
CA THR A 390 41.76 -4.95 44.03
C THR A 390 42.79 -5.89 44.67
N THR A 391 42.38 -6.53 45.76
CA THR A 391 43.23 -7.47 46.49
C THR A 391 42.70 -8.89 46.30
N VAL A 392 43.53 -9.76 45.75
CA VAL A 392 43.24 -11.19 45.67
C VAL A 392 44.33 -11.95 46.41
N PHE A 393 43.95 -13.04 47.03
CA PHE A 393 44.90 -13.83 47.80
C PHE A 393 45.42 -14.98 46.94
N SER A 394 46.73 -15.21 47.05
CA SER A 394 47.31 -16.40 46.45
C SER A 394 46.69 -17.65 47.08
N ALA A 395 46.90 -18.79 46.42
CA ALA A 395 46.35 -20.05 46.88
C ALA A 395 46.82 -20.38 48.30
N GLU A 396 45.96 -21.05 49.05
CA GLU A 396 46.28 -21.50 50.39
C GLU A 396 47.00 -22.84 50.42
N GLU A 397 46.92 -23.61 49.33
CA GLU A 397 47.54 -24.93 49.28
C GLU A 397 49.05 -24.81 49.35
N GLU A 398 49.68 -25.66 50.16
CA GLU A 398 51.15 -25.71 50.22
C GLU A 398 51.67 -27.11 49.93
C1 GOL B . -8.12 -1.20 -14.97
O1 GOL B . -8.50 -1.79 -16.19
C2 GOL B . -7.62 -2.25 -13.98
O2 GOL B . -6.50 -1.77 -13.25
C3 GOL B . -7.22 -3.50 -14.76
O3 GOL B . -6.35 -3.12 -15.79
#